data_6SKT
#
_entry.id   6SKT
#
_cell.length_a   67.619
_cell.length_b   67.619
_cell.length_c   123.429
_cell.angle_alpha   90.000
_cell.angle_beta   90.000
_cell.angle_gamma   120.000
#
_symmetry.space_group_name_H-M   'P 32 2 1'
#
loop_
_entity.id
_entity.type
_entity.pdbx_description
1 polymer 'Carbonic anhydrase 2'
2 non-polymer 'COPPER (II) ION'
3 non-polymer 'ZINC ION'
4 non-polymer GLYCEROL
5 non-polymer ~{N}-[2-(1~{H}-imidazol-4-yl)ethyl]-4-sulfamoyl-benzamide
6 water water
#
_entity_poly.entity_id   1
_entity_poly.type   'polypeptide(L)'
_entity_poly.pdbx_seq_one_letter_code
;MSHHWGYGKHNGPEHWHKDFPIANGERQSPVDIDTKAVVQDPALKPLALVYGEATSRRMVNNGHSFNVEYDDSQDKAVLK
DGPLTGTYRLVQFHFHWGSSDDQGSEHTVDRKKYAAELHLVHWNTKYGDFGTAAQQPDGLAVVGVFLKVGDANPALQKVL
DALDSIKTKGKSTDFPNFDPGSLLPNVLDYWTYPGSLTTPPLLESVTWIVLKEPISVSSQQMLKFRTLNFNAEGEPELLM
LANWRPAQPLKNRQVRGFPK
;
_entity_poly.pdbx_strand_id   A
#
loop_
_chem_comp.id
_chem_comp.type
_chem_comp.name
_chem_comp.formula
CU non-polymer 'COPPER (II) ION' 'Cu 2'
E6B non-polymer ~{N}-[2-(1~{H}-imidazol-4-yl)ethyl]-4-sulfamoyl-benzamide 'C12 H14 N4 O3 S'
GOL non-polymer GLYCEROL 'C3 H8 O3'
ZN non-polymer 'ZINC ION' 'Zn 2'
#
# COMPACT_ATOMS: atom_id res chain seq x y z
N HIS A 3 -0.49 5.28 22.29
CA HIS A 3 -0.78 4.59 21.00
C HIS A 3 -1.80 3.42 21.15
N HIS A 4 -2.98 3.59 20.56
CA HIS A 4 -4.09 2.65 20.80
C HIS A 4 -4.89 2.32 19.53
N TRP A 5 -4.21 2.21 18.40
CA TRP A 5 -4.83 1.64 17.19
C TRP A 5 -3.99 0.49 16.64
N GLY A 6 -4.63 -0.46 16.01
CA GLY A 6 -3.97 -1.61 15.41
C GLY A 6 -4.99 -2.51 14.78
N TYR A 7 -4.73 -3.81 14.83
CA TYR A 7 -5.56 -4.80 14.19
C TYR A 7 -5.94 -5.91 15.17
N GLY A 8 -5.86 -5.59 16.46
CA GLY A 8 -6.08 -6.56 17.51
C GLY A 8 -7.50 -6.53 18.03
N LYS A 9 -7.68 -7.17 19.19
CA LYS A 9 -8.98 -7.29 19.82
C LYS A 9 -9.63 -5.99 20.24
N HIS A 10 -8.87 -5.11 20.89
CA HIS A 10 -9.41 -3.88 21.47
C HIS A 10 -8.93 -2.59 20.85
N ASN A 11 -8.17 -2.67 19.75
CA ASN A 11 -7.65 -1.47 19.09
C ASN A 11 -7.93 -1.51 17.58
N GLY A 12 -8.88 -2.35 17.17
CA GLY A 12 -9.05 -2.69 15.76
C GLY A 12 -9.74 -1.60 14.92
N PRO A 13 -9.78 -1.80 13.58
CA PRO A 13 -10.39 -0.88 12.60
C PRO A 13 -11.82 -0.48 12.94
N GLU A 14 -12.58 -1.42 13.50
CA GLU A 14 -13.93 -1.11 13.90
C GLU A 14 -14.02 0.04 14.93
N HIS A 15 -12.94 0.31 15.68
CA HIS A 15 -12.95 1.40 16.66
C HIS A 15 -12.24 2.65 16.19
N TRP A 16 -11.55 2.59 15.03
CA TRP A 16 -10.67 3.69 14.65
C TRP A 16 -11.46 5.00 14.53
N HIS A 17 -12.73 4.90 14.14
CA HIS A 17 -13.62 6.09 14.06
C HIS A 17 -13.75 6.90 15.36
N LYS A 18 -13.54 6.26 16.51
CA LYS A 18 -13.60 6.93 17.79
C LYS A 18 -12.35 7.79 18.04
N ASP A 19 -11.23 7.42 17.43
CA ASP A 19 -9.97 8.16 17.51
C ASP A 19 -9.78 9.08 16.28
N PHE A 20 -10.26 8.68 15.11
CA PHE A 20 -10.14 9.45 13.86
C PHE A 20 -11.52 9.48 13.19
N PRO A 21 -12.32 10.53 13.44
CA PRO A 21 -13.72 10.54 12.94
C PRO A 21 -13.88 10.47 11.43
N ILE A 22 -12.86 10.93 10.70
CA ILE A 22 -12.85 10.83 9.24
C ILE A 22 -12.89 9.37 8.76
N ALA A 23 -12.58 8.43 9.65
CA ALA A 23 -12.80 6.99 9.41
C ALA A 23 -14.17 6.65 8.84
N ASN A 24 -15.19 7.46 9.20
CA ASN A 24 -16.55 7.32 8.67
C ASN A 24 -16.88 8.38 7.62
N GLY A 25 -15.86 8.85 6.87
CA GLY A 25 -16.05 9.90 5.89
C GLY A 25 -16.56 9.38 4.56
N GLU A 26 -16.64 10.31 3.62
CA GLU A 26 -17.16 10.08 2.28
C GLU A 26 -16.18 9.48 1.27
N ARG A 27 -14.89 9.42 1.59
CA ARG A 27 -13.90 8.95 0.62
C ARG A 27 -12.89 8.01 1.30
N GLN A 28 -13.40 7.00 2.01
CA GLN A 28 -12.53 6.09 2.70
C GLN A 28 -12.04 4.92 1.86
N SER A 29 -10.84 4.45 2.17
CA SER A 29 -10.23 3.29 1.52
C SER A 29 -9.91 2.15 2.51
N PRO A 30 -9.81 0.89 2.06
CA PRO A 30 -9.97 0.46 0.69
C PRO A 30 -11.43 0.26 0.35
N VAL A 31 -11.67 -0.15 -0.89
CA VAL A 31 -13.00 -0.50 -1.37
C VAL A 31 -12.98 -1.81 -2.16
N ASP A 32 -14.18 -2.38 -2.35
CA ASP A 32 -14.36 -3.48 -3.27
C ASP A 32 -14.52 -2.90 -4.67
N ILE A 33 -13.84 -3.49 -5.62
CA ILE A 33 -13.96 -3.09 -7.02
C ILE A 33 -14.90 -4.06 -7.75
N ASP A 34 -16.11 -3.57 -8.00
CA ASP A 34 -17.14 -4.31 -8.77
C ASP A 34 -16.82 -4.10 -10.25
N THR A 35 -16.29 -5.13 -10.90
CA THR A 35 -15.72 -4.93 -12.23
C THR A 35 -16.80 -4.62 -13.24
N LYS A 36 -18.02 -5.14 -13.02
CA LYS A 36 -19.16 -4.83 -13.89
C LYS A 36 -19.56 -3.34 -13.86
N ALA A 37 -19.17 -2.60 -12.82
CA ALA A 37 -19.54 -1.20 -12.66
C ALA A 37 -18.43 -0.21 -13.06
N VAL A 38 -17.29 -0.74 -13.46
CA VAL A 38 -16.13 0.07 -13.83
C VAL A 38 -16.38 0.86 -15.11
N VAL A 39 -16.03 2.13 -15.06
CA VAL A 39 -16.25 3.09 -16.11
C VAL A 39 -14.99 3.27 -16.97
N GLN A 40 -15.18 3.48 -18.29
CA GLN A 40 -14.12 3.74 -19.25
C GLN A 40 -14.05 5.22 -19.51
N ASP A 41 -12.87 5.82 -19.30
CA ASP A 41 -12.70 7.27 -19.42
C ASP A 41 -11.55 7.54 -20.35
N PRO A 42 -11.84 8.04 -21.59
CA PRO A 42 -10.72 8.32 -22.50
C PRO A 42 -9.69 9.34 -22.05
N ALA A 43 -9.97 10.10 -20.99
CA ALA A 43 -8.97 11.00 -20.44
C ALA A 43 -7.81 10.26 -19.75
N LEU A 44 -8.07 9.04 -19.23
CA LEU A 44 -7.03 8.26 -18.56
C LEU A 44 -5.87 7.92 -19.50
N LYS A 45 -4.65 8.07 -18.98
CA LYS A 45 -3.43 7.74 -19.68
C LYS A 45 -2.77 6.50 -19.08
N PRO A 46 -1.87 5.87 -19.84
CA PRO A 46 -1.05 4.81 -19.25
C PRO A 46 -0.23 5.39 -18.11
N LEU A 47 0.07 4.55 -17.13
CA LEU A 47 0.88 4.96 -16.01
C LEU A 47 2.32 5.15 -16.49
N ALA A 48 2.99 6.17 -15.97
CA ALA A 48 4.43 6.38 -16.19
C ALA A 48 5.12 6.25 -14.83
N LEU A 49 5.75 5.08 -14.60
CA LEU A 49 6.49 4.82 -13.37
C LEU A 49 7.99 4.91 -13.67
N VAL A 50 8.59 6.05 -13.35
CA VAL A 50 9.95 6.37 -13.81
C VAL A 50 10.85 6.03 -12.62
N TYR A 51 11.23 4.76 -12.53
CA TYR A 51 11.88 4.22 -11.34
C TYR A 51 13.36 3.87 -11.60
N GLY A 52 13.88 4.16 -12.79
CA GLY A 52 15.26 3.82 -13.17
C GLY A 52 16.34 4.20 -12.17
N GLU A 53 16.24 5.42 -11.63
CA GLU A 53 17.24 5.97 -10.70
C GLU A 53 16.76 5.98 -9.24
N ALA A 54 15.84 5.07 -8.87
CA ALA A 54 15.35 4.99 -7.49
C ALA A 54 16.46 4.65 -6.52
N THR A 55 16.46 5.32 -5.38
CA THR A 55 17.47 5.08 -4.30
C THR A 55 16.80 4.64 -3.00
N SER A 56 16.74 3.33 -2.75
CA SER A 56 16.25 2.82 -1.48
C SER A 56 17.26 3.11 -0.38
N ARG A 57 16.78 3.37 0.83
CA ARG A 57 17.66 3.70 1.96
C ARG A 57 17.65 2.62 3.02
N ARG A 58 16.51 2.43 3.66
CA ARG A 58 16.44 1.50 4.75
C ARG A 58 15.08 0.88 4.81
N MET A 59 15.03 -0.23 5.54
CA MET A 59 13.76 -0.94 5.81
C MET A 59 13.51 -0.85 7.30
N VAL A 60 12.28 -0.52 7.65
CA VAL A 60 11.90 -0.19 9.03
C VAL A 60 10.63 -0.90 9.47
N ASN A 61 10.64 -1.45 10.68
CA ASN A 61 9.39 -1.93 11.32
C ASN A 61 8.76 -0.77 12.03
N ASN A 62 7.58 -0.34 11.58
CA ASN A 62 6.92 0.78 12.25
C ASN A 62 5.81 0.39 13.21
N GLY A 63 5.71 -0.91 13.52
CA GLY A 63 4.76 -1.39 14.49
C GLY A 63 3.43 -1.79 13.89
N HIS A 64 3.23 -1.55 12.58
CA HIS A 64 2.00 -1.96 11.86
C HIS A 64 2.24 -2.65 10.53
N SER A 65 3.43 -2.47 9.95
CA SER A 65 3.87 -3.14 8.77
C SER A 65 5.38 -2.85 8.76
N PHE A 66 6.02 -3.06 7.60
CA PHE A 66 7.38 -2.57 7.41
C PHE A 66 7.45 -1.78 6.13
N ASN A 67 8.28 -0.73 6.15
CA ASN A 67 8.42 0.18 5.03
C ASN A 67 9.82 0.08 4.46
N VAL A 68 9.94 -0.01 3.14
CA VAL A 68 11.18 0.30 2.46
C VAL A 68 11.13 1.77 2.05
N GLU A 69 12.09 2.54 2.57
CA GLU A 69 12.13 3.98 2.41
C GLU A 69 13.02 4.33 1.24
N TYR A 70 12.60 5.35 0.50
CA TYR A 70 13.30 5.85 -0.67
C TYR A 70 13.71 7.30 -0.45
N ASP A 71 14.82 7.67 -1.05
CA ASP A 71 15.21 9.07 -1.10
C ASP A 71 14.28 9.84 -2.03
N ASP A 72 13.55 10.79 -1.43
CA ASP A 72 12.59 11.63 -2.12
C ASP A 72 12.94 13.12 -2.00
N SER A 73 14.24 13.41 -1.88
CA SER A 73 14.75 14.78 -1.78
C SER A 73 14.77 15.42 -3.14
N GLN A 74 14.78 14.59 -4.17
CA GLN A 74 14.74 15.05 -5.55
C GLN A 74 13.80 14.18 -6.38
N ASP A 75 13.52 14.60 -7.60
CA ASP A 75 12.83 13.71 -8.55
C ASP A 75 13.65 12.51 -9.00
N LYS A 76 13.73 11.48 -8.18
CA LYS A 76 14.60 10.32 -8.43
C LYS A 76 13.77 9.13 -8.92
N ALA A 77 12.63 8.93 -8.28
CA ALA A 77 11.72 7.89 -8.68
C ALA A 77 10.37 8.57 -8.59
N VAL A 78 9.72 8.73 -9.74
CA VAL A 78 8.47 9.44 -9.82
C VAL A 78 7.41 8.66 -10.58
N LEU A 79 6.19 9.09 -10.31
CA LEU A 79 4.98 8.58 -10.93
C LEU A 79 4.26 9.75 -11.60
N LYS A 80 3.93 9.60 -12.88
CA LYS A 80 3.27 10.59 -13.67
C LYS A 80 2.21 9.94 -14.53
N ASP A 81 1.42 10.79 -15.19
CA ASP A 81 0.36 10.35 -16.10
C ASP A 81 -0.67 9.47 -15.37
N GLY A 82 -1.11 8.36 -15.96
CA GLY A 82 -2.25 7.64 -15.41
C GLY A 82 -3.40 8.58 -15.25
N PRO A 83 -4.04 8.61 -14.05
CA PRO A 83 -5.11 9.58 -13.78
C PRO A 83 -4.60 10.93 -13.24
N LEU A 84 -3.27 11.13 -13.17
CA LEU A 84 -2.72 12.21 -12.38
C LEU A 84 -2.36 13.41 -13.23
N THR A 85 -2.31 14.56 -12.55
CA THR A 85 -1.72 15.81 -13.08
C THR A 85 -0.49 16.12 -12.27
N GLY A 86 0.62 16.36 -12.96
CA GLY A 86 1.88 16.68 -12.33
C GLY A 86 2.72 15.48 -11.91
N THR A 87 3.65 15.73 -11.01
CA THR A 87 4.69 14.80 -10.64
C THR A 87 4.58 14.35 -9.20
N TYR A 88 4.65 13.04 -8.99
CA TYR A 88 4.56 12.45 -7.63
C TYR A 88 5.77 11.61 -7.31
N ARG A 89 6.52 11.97 -6.26
CA ARG A 89 7.72 11.23 -5.87
C ARG A 89 7.42 10.05 -4.99
N LEU A 90 8.06 8.93 -5.32
CA LEU A 90 8.06 7.76 -4.47
C LEU A 90 8.79 8.01 -3.16
N VAL A 91 8.10 7.80 -2.03
CA VAL A 91 8.69 7.96 -0.71
C VAL A 91 8.87 6.62 0.03
N GLN A 92 7.95 5.67 -0.14
CA GLN A 92 8.11 4.37 0.47
C GLN A 92 7.16 3.35 -0.11
N PHE A 93 7.50 2.08 0.08
CA PHE A 93 6.53 1.00 -0.09
C PHE A 93 6.42 0.12 1.16
N HIS A 94 5.27 -0.55 1.28
CA HIS A 94 5.00 -1.45 2.40
C HIS A 94 3.91 -2.44 1.95
N PHE A 95 3.54 -3.33 2.84
CA PHE A 95 2.58 -4.37 2.52
C PHE A 95 1.52 -4.51 3.58
N HIS A 96 0.38 -5.05 3.13
CA HIS A 96 -0.59 -5.63 4.06
C HIS A 96 -0.80 -7.10 3.75
N TRP A 97 -1.14 -7.92 4.77
CA TRP A 97 -1.35 -9.34 4.61
C TRP A 97 -2.30 -9.85 5.70
N GLY A 98 -2.76 -11.09 5.58
CA GLY A 98 -3.74 -11.68 6.51
C GLY A 98 -3.13 -12.87 7.23
N SER A 99 -3.93 -13.52 8.07
CA SER A 99 -3.43 -14.60 8.95
C SER A 99 -3.40 -15.96 8.26
N SER A 100 -4.07 -16.04 7.12
CA SER A 100 -4.00 -17.19 6.25
C SER A 100 -4.01 -16.72 4.78
N ASP A 101 -3.66 -17.63 3.86
CA ASP A 101 -3.47 -17.26 2.46
C ASP A 101 -4.71 -16.81 1.71
N ASP A 102 -5.87 -17.20 2.21
CA ASP A 102 -7.11 -16.85 1.55
C ASP A 102 -7.60 -15.42 1.83
N GLN A 103 -6.90 -14.66 2.66
CA GLN A 103 -7.26 -13.28 2.94
C GLN A 103 -6.00 -12.45 3.11
N GLY A 104 -6.14 -11.14 3.12
CA GLY A 104 -5.00 -10.27 3.40
C GLY A 104 -4.92 -9.00 2.59
N SER A 105 -5.51 -8.99 1.39
CA SER A 105 -5.52 -7.75 0.60
C SER A 105 -6.51 -6.76 1.24
N GLU A 106 -6.24 -5.48 1.01
CA GLU A 106 -7.15 -4.40 1.44
C GLU A 106 -8.22 -4.19 0.38
N HIS A 107 -7.81 -3.88 -0.85
CA HIS A 107 -8.77 -3.87 -1.96
C HIS A 107 -9.20 -5.30 -2.30
N THR A 108 -10.45 -5.41 -2.78
CA THR A 108 -10.97 -6.66 -3.23
C THR A 108 -11.50 -6.45 -4.63
N VAL A 109 -11.58 -7.55 -5.38
CA VAL A 109 -12.06 -7.54 -6.77
C VAL A 109 -13.24 -8.50 -6.89
N ASP A 110 -14.44 -7.92 -7.12
CA ASP A 110 -15.70 -8.68 -7.06
C ASP A 110 -15.73 -9.53 -5.79
N ARG A 111 -15.39 -8.91 -4.67
CA ARG A 111 -15.29 -9.53 -3.35
C ARG A 111 -14.15 -10.54 -3.14
N LYS A 112 -13.35 -10.81 -4.16
CA LYS A 112 -12.23 -11.75 -4.03
C LYS A 112 -11.07 -11.07 -3.32
N LYS A 113 -10.46 -11.77 -2.38
CA LYS A 113 -9.33 -11.31 -1.59
C LYS A 113 -8.07 -12.01 -2.02
N TYR A 114 -6.99 -11.25 -2.19
CA TYR A 114 -5.72 -11.85 -2.37
C TYR A 114 -4.99 -12.07 -1.03
N ALA A 115 -3.81 -12.71 -1.08
CA ALA A 115 -3.01 -13.03 0.11
C ALA A 115 -2.39 -11.80 0.76
N ALA A 116 -2.05 -10.82 -0.07
CA ALA A 116 -1.42 -9.60 0.39
C ALA A 116 -1.54 -8.52 -0.65
N GLU A 117 -1.16 -7.30 -0.24
CA GLU A 117 -1.22 -6.15 -1.10
C GLU A 117 -0.06 -5.22 -0.83
N LEU A 118 0.61 -4.82 -1.90
CA LEU A 118 1.76 -3.91 -1.87
C LEU A 118 1.25 -2.51 -2.19
N HIS A 119 1.73 -1.52 -1.43
CA HIS A 119 1.44 -0.13 -1.63
C HIS A 119 2.70 0.70 -1.87
N LEU A 120 2.81 1.28 -3.04
CA LEU A 120 3.90 2.20 -3.39
C LEU A 120 3.33 3.60 -3.23
N VAL A 121 3.88 4.33 -2.26
CA VAL A 121 3.35 5.61 -1.79
C VAL A 121 4.09 6.78 -2.42
N HIS A 122 3.35 7.70 -3.05
CA HIS A 122 3.95 8.86 -3.74
C HIS A 122 3.26 10.15 -3.33
N TRP A 123 3.98 11.27 -3.41
CA TRP A 123 3.39 12.56 -3.02
C TRP A 123 3.65 13.63 -4.07
N ASN A 124 2.72 14.58 -4.14
CA ASN A 124 2.62 15.52 -5.24
C ASN A 124 3.60 16.64 -4.96
N THR A 125 4.60 16.80 -5.82
CA THR A 125 5.64 17.81 -5.62
C THR A 125 5.12 19.26 -5.63
N LYS A 126 3.91 19.47 -6.16
CA LYS A 126 3.17 20.72 -6.01
C LYS A 126 3.21 21.27 -4.57
N TYR A 127 3.29 20.40 -3.57
CA TYR A 127 3.09 20.79 -2.18
C TYR A 127 4.33 20.90 -1.32
N GLY A 128 5.50 20.70 -1.88
CA GLY A 128 6.73 20.96 -1.11
C GLY A 128 7.26 19.82 -0.26
N ASP A 129 6.38 19.15 0.47
CA ASP A 129 6.79 18.03 1.30
C ASP A 129 5.64 17.02 1.43
N PHE A 130 6.00 15.79 1.81
CA PHE A 130 5.02 14.72 2.01
C PHE A 130 3.88 15.07 3.01
N GLY A 131 4.25 15.68 4.14
CA GLY A 131 3.25 16.00 5.17
C GLY A 131 2.20 17.01 4.73
N THR A 132 2.63 18.07 4.06
CA THR A 132 1.71 19.04 3.47
C THR A 132 0.78 18.39 2.43
N ALA A 133 1.40 17.58 1.57
CA ALA A 133 0.69 16.87 0.51
C ALA A 133 -0.34 15.89 1.07
N ALA A 134 -0.03 15.21 2.17
CA ALA A 134 -0.95 14.24 2.76
C ALA A 134 -2.27 14.84 3.25
N GLN A 135 -2.33 16.17 3.36
CA GLN A 135 -3.52 16.85 3.82
C GLN A 135 -4.37 17.52 2.70
N GLN A 136 -4.02 17.29 1.44
CA GLN A 136 -4.72 17.87 0.28
C GLN A 136 -5.39 16.75 -0.54
N PRO A 137 -6.55 17.04 -1.15
CA PRO A 137 -7.26 16.01 -1.90
C PRO A 137 -6.50 15.42 -3.07
N ASP A 138 -5.62 16.19 -3.69
CA ASP A 138 -4.76 15.74 -4.79
C ASP A 138 -3.29 15.59 -4.37
N GLY A 139 -3.10 15.33 -3.08
CA GLY A 139 -1.78 15.29 -2.49
C GLY A 139 -0.97 14.03 -2.68
N LEU A 140 -1.66 12.88 -2.63
CA LEU A 140 -1.00 11.57 -2.66
C LEU A 140 -1.52 10.70 -3.79
N ALA A 141 -0.66 9.77 -4.22
CA ALA A 141 -1.00 8.72 -5.16
C ALA A 141 -0.42 7.45 -4.63
N VAL A 142 -1.25 6.43 -4.43
CA VAL A 142 -0.74 5.14 -4.01
C VAL A 142 -1.03 4.12 -5.09
N VAL A 143 0.01 3.42 -5.49
CA VAL A 143 -0.15 2.28 -6.40
C VAL A 143 -0.27 0.99 -5.60
N GLY A 144 -1.39 0.28 -5.79
CA GLY A 144 -1.62 -0.98 -5.15
C GLY A 144 -1.40 -2.15 -6.07
N VAL A 145 -0.71 -3.17 -5.57
CA VAL A 145 -0.41 -4.35 -6.36
C VAL A 145 -0.78 -5.57 -5.52
N PHE A 146 -1.60 -6.43 -6.07
CA PHE A 146 -2.02 -7.64 -5.36
C PHE A 146 -0.92 -8.72 -5.40
N LEU A 147 -0.77 -9.47 -4.31
CA LEU A 147 0.05 -10.64 -4.27
C LEU A 147 -0.86 -11.86 -4.21
N LYS A 148 -0.72 -12.70 -5.23
CA LYS A 148 -1.53 -13.87 -5.43
C LYS A 148 -0.69 -15.10 -5.12
N VAL A 149 -1.22 -15.96 -4.27
CA VAL A 149 -0.48 -17.13 -3.85
C VAL A 149 -0.29 -18.04 -5.04
N GLY A 150 0.93 -18.53 -5.15
CA GLY A 150 1.36 -19.32 -6.31
C GLY A 150 2.86 -19.54 -6.27
N ASP A 151 3.53 -19.26 -7.39
CA ASP A 151 4.99 -19.40 -7.46
C ASP A 151 5.72 -18.44 -6.51
N ALA A 152 6.83 -18.88 -5.93
CA ALA A 152 7.68 -17.97 -5.13
C ALA A 152 8.18 -16.81 -6.02
N ASN A 153 8.36 -15.63 -5.41
CA ASN A 153 8.74 -14.41 -6.09
C ASN A 153 10.19 -14.04 -5.69
N PRO A 154 11.15 -14.20 -6.60
CA PRO A 154 12.55 -13.95 -6.18
C PRO A 154 12.87 -12.47 -5.84
N ALA A 155 12.22 -11.52 -6.50
CA ALA A 155 12.42 -10.11 -6.15
C ALA A 155 11.92 -9.85 -4.72
N LEU A 156 10.73 -10.37 -4.42
CA LEU A 156 10.21 -10.29 -3.08
C LEU A 156 11.12 -10.96 -2.06
N GLN A 157 11.73 -12.09 -2.42
CA GLN A 157 12.61 -12.79 -1.49
C GLN A 157 13.72 -11.88 -0.93
N LYS A 158 14.20 -10.96 -1.76
CA LYS A 158 15.26 -10.02 -1.31
C LYS A 158 14.75 -9.14 -0.18
N VAL A 159 13.47 -8.77 -0.24
CA VAL A 159 12.82 -8.05 0.84
C VAL A 159 12.64 -8.93 2.09
N LEU A 160 12.08 -10.12 1.91
CA LEU A 160 11.86 -11.05 2.99
C LEU A 160 13.14 -11.49 3.71
N ASP A 161 14.25 -11.62 2.97
CA ASP A 161 15.58 -11.95 3.56
C ASP A 161 16.03 -10.91 4.63
N ALA A 162 15.46 -9.69 4.63
CA ALA A 162 15.81 -8.64 5.61
C ALA A 162 14.95 -8.62 6.87
N LEU A 163 13.81 -9.32 6.87
CA LEU A 163 12.86 -9.20 8.01
C LEU A 163 13.41 -9.66 9.37
N ASP A 164 14.33 -10.61 9.36
CA ASP A 164 14.99 -11.05 10.63
C ASP A 164 15.78 -9.94 11.33
N SER A 165 16.18 -8.91 10.60
CA SER A 165 16.82 -7.75 11.21
C SER A 165 15.88 -6.74 11.81
N ILE A 166 14.57 -6.83 11.55
CA ILE A 166 13.64 -5.77 11.94
C ILE A 166 12.42 -6.40 12.60
N LYS A 167 12.66 -7.41 13.44
CA LYS A 167 11.56 -8.19 13.96
C LYS A 167 10.59 -7.36 14.82
N THR A 168 11.07 -6.35 15.54
CA THR A 168 10.22 -5.63 16.51
C THR A 168 10.12 -4.16 16.15
N LYS A 169 9.08 -3.52 16.67
CA LYS A 169 8.79 -2.11 16.36
C LYS A 169 9.96 -1.18 16.66
N GLY A 170 10.31 -0.35 15.67
CA GLY A 170 11.36 0.65 15.77
C GLY A 170 12.72 0.22 15.22
N LYS A 171 12.91 -1.07 15.00
CA LYS A 171 14.11 -1.57 14.39
C LYS A 171 14.16 -1.25 12.91
N SER A 172 15.36 -0.96 12.41
CA SER A 172 15.57 -0.70 10.99
C SER A 172 16.87 -1.31 10.54
N THR A 173 17.05 -1.39 9.24
CA THR A 173 18.22 -2.01 8.65
C THR A 173 18.52 -1.34 7.31
N ASP A 174 19.82 -1.23 7.01
CA ASP A 174 20.26 -0.72 5.73
C ASP A 174 19.69 -1.56 4.61
N PHE A 175 19.14 -0.92 3.57
CA PHE A 175 18.52 -1.67 2.47
C PHE A 175 18.75 -0.95 1.14
N PRO A 176 20.02 -0.93 0.66
CA PRO A 176 20.35 -0.17 -0.55
C PRO A 176 20.05 -0.90 -1.85
N ASN A 177 19.95 -0.15 -2.94
CA ASN A 177 19.95 -0.64 -4.33
C ASN A 177 18.77 -1.58 -4.64
N PHE A 178 17.64 -1.37 -3.98
CA PHE A 178 16.42 -2.12 -4.32
C PHE A 178 15.56 -1.35 -5.31
N ASP A 179 15.30 -1.99 -6.45
CA ASP A 179 14.55 -1.42 -7.53
C ASP A 179 13.05 -1.70 -7.29
N PRO A 180 12.28 -0.65 -6.95
CA PRO A 180 10.85 -0.95 -6.66
C PRO A 180 10.07 -1.44 -7.86
N GLY A 181 10.58 -1.17 -9.07
CA GLY A 181 10.02 -1.71 -10.31
C GLY A 181 9.99 -3.23 -10.40
N SER A 182 10.84 -3.90 -9.63
CA SER A 182 10.94 -5.36 -9.64
C SER A 182 9.72 -6.04 -9.00
N LEU A 183 8.87 -5.25 -8.33
CA LEU A 183 7.65 -5.74 -7.71
C LEU A 183 6.40 -5.29 -8.48
N LEU A 184 6.55 -4.90 -9.74
CA LEU A 184 5.40 -4.52 -10.57
C LEU A 184 5.09 -5.69 -11.46
N PRO A 185 3.82 -5.84 -11.87
CA PRO A 185 3.46 -6.89 -12.82
C PRO A 185 3.87 -6.49 -14.23
N ASN A 186 3.61 -7.37 -15.19
CA ASN A 186 4.10 -7.20 -16.57
C ASN A 186 3.24 -6.21 -17.32
N VAL A 187 1.95 -6.16 -16.99
CA VAL A 187 1.02 -5.19 -17.56
C VAL A 187 0.54 -4.25 -16.48
N LEU A 188 0.39 -2.99 -16.85
CA LEU A 188 0.06 -1.92 -15.93
C LEU A 188 -1.37 -1.38 -16.07
N ASP A 189 -2.28 -2.23 -16.55
CA ASP A 189 -3.72 -1.91 -16.55
C ASP A 189 -4.12 -1.60 -15.12
N TYR A 190 -5.02 -0.65 -14.92
CA TYR A 190 -5.38 -0.23 -13.57
C TYR A 190 -6.82 0.21 -13.42
N TRP A 191 -7.26 0.15 -12.17
CA TRP A 191 -8.49 0.80 -11.68
C TRP A 191 -8.09 2.03 -10.87
N THR A 192 -8.92 3.07 -10.89
CA THR A 192 -8.64 4.26 -10.09
C THR A 192 -9.87 4.88 -9.48
N TYR A 193 -9.74 5.40 -8.26
CA TYR A 193 -10.84 6.08 -7.57
C TYR A 193 -10.25 7.01 -6.52
N PRO A 194 -10.99 8.05 -6.12
CA PRO A 194 -10.45 8.94 -5.06
C PRO A 194 -10.76 8.36 -3.67
N GLY A 195 -9.74 8.31 -2.83
CA GLY A 195 -9.84 7.67 -1.52
C GLY A 195 -8.92 8.25 -0.46
N SER A 196 -8.46 7.37 0.42
CA SER A 196 -7.82 7.76 1.67
C SER A 196 -6.67 6.89 1.99
N LEU A 197 -5.85 7.35 2.94
CA LEU A 197 -4.97 6.46 3.63
C LEU A 197 -5.78 5.33 4.28
N THR A 198 -5.28 4.10 4.23
CA THR A 198 -5.96 2.97 4.84
C THR A 198 -5.60 2.68 6.32
N THR A 199 -4.73 3.49 6.90
CA THR A 199 -4.40 3.43 8.33
C THR A 199 -4.61 4.84 8.82
N PRO A 200 -4.81 5.01 10.13
CA PRO A 200 -4.76 6.35 10.71
C PRO A 200 -3.50 7.06 10.24
N PRO A 201 -3.57 8.35 9.89
CA PRO A 201 -4.69 9.23 10.18
C PRO A 201 -5.86 9.22 9.16
N LEU A 202 -5.87 8.25 8.23
CA LEU A 202 -7.02 8.00 7.34
C LEU A 202 -7.40 9.19 6.46
N LEU A 203 -6.42 10.05 6.16
CA LEU A 203 -6.68 11.31 5.46
C LEU A 203 -7.13 11.06 4.01
N GLU A 204 -8.04 11.89 3.52
CA GLU A 204 -8.74 11.68 2.24
C GLU A 204 -7.98 12.43 1.15
N SER A 205 -6.74 11.98 0.92
CA SER A 205 -5.79 12.69 0.08
C SER A 205 -5.20 11.83 -1.06
N VAL A 206 -5.73 10.63 -1.24
CA VAL A 206 -5.11 9.62 -2.06
C VAL A 206 -5.87 9.41 -3.35
N THR A 207 -5.18 9.60 -4.47
CA THR A 207 -5.67 9.05 -5.73
C THR A 207 -5.18 7.59 -5.80
N TRP A 208 -6.11 6.65 -5.68
CA TRP A 208 -5.75 5.21 -5.72
C TRP A 208 -5.60 4.72 -7.15
N ILE A 209 -4.56 3.90 -7.35
CA ILE A 209 -4.25 3.26 -8.61
C ILE A 209 -4.01 1.78 -8.30
N VAL A 210 -5.01 0.92 -8.53
CA VAL A 210 -4.92 -0.51 -8.21
C VAL A 210 -4.66 -1.28 -9.50
N LEU A 211 -3.48 -1.92 -9.59
CA LEU A 211 -3.14 -2.65 -10.80
C LEU A 211 -4.03 -3.88 -10.89
N LYS A 212 -4.53 -4.15 -12.10
CA LYS A 212 -5.38 -5.34 -12.31
C LYS A 212 -4.62 -6.68 -12.18
N GLU A 213 -3.36 -6.67 -12.61
CA GLU A 213 -2.59 -7.89 -12.65
C GLU A 213 -1.76 -8.07 -11.35
N PRO A 214 -1.97 -9.19 -10.64
CA PRO A 214 -1.18 -9.45 -9.44
C PRO A 214 0.26 -9.87 -9.73
N ILE A 215 1.11 -9.76 -8.72
CA ILE A 215 2.41 -10.42 -8.71
C ILE A 215 2.27 -11.71 -7.88
N SER A 216 3.20 -12.63 -8.02
CA SER A 216 3.13 -13.91 -7.32
C SER A 216 3.82 -13.84 -5.93
N VAL A 217 3.47 -14.80 -5.08
CA VAL A 217 4.08 -15.03 -3.79
C VAL A 217 3.84 -16.49 -3.44
N SER A 218 4.83 -17.19 -2.89
CA SER A 218 4.57 -18.56 -2.36
C SER A 218 3.88 -18.57 -1.00
N SER A 219 3.22 -19.69 -0.69
CA SER A 219 2.70 -19.90 0.67
C SER A 219 3.80 -19.83 1.73
N GLN A 220 4.95 -20.43 1.43
CA GLN A 220 6.16 -20.34 2.29
C GLN A 220 6.56 -18.89 2.53
N GLN A 221 6.62 -18.11 1.47
CA GLN A 221 6.95 -16.70 1.62
C GLN A 221 5.94 -15.97 2.52
N MET A 222 4.65 -16.27 2.39
CA MET A 222 3.67 -15.64 3.25
C MET A 222 3.90 -15.93 4.73
N LEU A 223 4.42 -17.10 5.08
CA LEU A 223 4.71 -17.38 6.49
C LEU A 223 5.65 -16.32 7.06
N LYS A 224 6.61 -15.91 6.25
CA LYS A 224 7.62 -14.96 6.68
C LYS A 224 7.08 -13.57 7.11
N PHE A 225 6.12 -13.01 6.37
CA PHE A 225 5.46 -11.75 6.78
C PHE A 225 4.90 -11.87 8.19
N ARG A 226 4.35 -13.02 8.48
CA ARG A 226 3.70 -13.27 9.77
C ARG A 226 4.65 -13.50 10.96
N THR A 227 5.97 -13.51 10.74
CA THR A 227 6.97 -13.63 11.82
C THR A 227 7.29 -12.28 12.47
N LEU A 228 6.92 -11.17 11.83
CA LEU A 228 7.13 -9.86 12.41
C LEU A 228 6.33 -9.62 13.69
N ASN A 229 6.76 -8.62 14.47
CA ASN A 229 6.10 -8.25 15.75
C ASN A 229 5.51 -6.85 15.72
N PHE A 230 4.28 -6.68 16.21
CA PHE A 230 3.67 -5.33 16.39
C PHE A 230 4.40 -4.60 17.56
N ASN A 231 4.83 -5.35 18.57
CA ASN A 231 5.45 -4.79 19.79
C ASN A 231 6.91 -4.39 19.63
N ALA A 232 7.37 -3.54 20.55
CA ALA A 232 8.78 -3.24 20.70
C ALA A 232 9.47 -4.34 21.49
N GLU A 233 10.78 -4.45 21.31
CA GLU A 233 11.61 -5.38 22.09
C GLU A 233 11.38 -5.17 23.60
N GLY A 234 11.14 -6.26 24.32
CA GLY A 234 10.89 -6.20 25.78
C GLY A 234 9.42 -6.26 26.15
N GLU A 235 8.54 -5.88 25.22
CA GLU A 235 7.10 -5.90 25.48
C GLU A 235 6.58 -7.31 25.21
N PRO A 236 5.38 -7.62 25.72
CA PRO A 236 4.74 -8.89 25.36
C PRO A 236 4.67 -9.05 23.81
N GLU A 237 5.06 -10.21 23.31
CA GLU A 237 5.05 -10.52 21.86
C GLU A 237 3.63 -10.44 21.29
N LEU A 238 3.48 -9.68 20.19
CA LEU A 238 2.26 -9.66 19.43
C LEU A 238 2.65 -9.87 17.96
N LEU A 239 2.40 -11.07 17.44
CA LEU A 239 2.83 -11.41 16.08
C LEU A 239 1.99 -10.63 15.09
N MET A 240 2.61 -10.21 13.99
CA MET A 240 1.95 -9.41 13.00
C MET A 240 1.26 -10.39 12.06
N LEU A 241 0.17 -11.00 12.52
CA LEU A 241 -0.53 -12.02 11.72
C LEU A 241 -1.42 -11.42 10.61
N ALA A 242 -1.95 -10.22 10.82
CA ALA A 242 -2.85 -9.58 9.87
C ALA A 242 -2.81 -8.09 10.12
N ASN A 243 -2.81 -7.32 9.04
CA ASN A 243 -2.77 -5.86 9.17
C ASN A 243 -3.52 -5.14 8.05
N TRP A 244 -4.68 -5.71 7.68
CA TRP A 244 -5.49 -5.16 6.62
C TRP A 244 -6.76 -4.53 7.18
N ARG A 245 -7.16 -3.40 6.58
CA ARG A 245 -8.44 -2.77 6.84
C ARG A 245 -9.44 -3.35 5.83
N PRO A 246 -10.66 -3.67 6.30
CA PRO A 246 -11.67 -4.20 5.37
C PRO A 246 -12.23 -3.14 4.41
N ALA A 247 -12.87 -3.58 3.34
CA ALA A 247 -13.51 -2.68 2.36
C ALA A 247 -14.51 -1.74 3.02
N GLN A 248 -14.47 -0.48 2.62
CA GLN A 248 -15.32 0.55 3.17
C GLN A 248 -16.39 0.95 2.11
N PRO A 249 -17.46 1.64 2.53
CA PRO A 249 -18.55 1.96 1.59
C PRO A 249 -18.08 2.86 0.46
N LEU A 250 -18.46 2.52 -0.76
CA LEU A 250 -18.06 3.33 -1.92
C LEU A 250 -18.72 4.71 -1.93
N LYS A 251 -19.93 4.77 -1.39
CA LYS A 251 -20.67 6.04 -1.31
C LYS A 251 -20.82 6.63 -2.71
N ASN A 252 -20.51 7.88 -2.94
CA ASN A 252 -20.82 8.44 -4.26
C ASN A 252 -19.89 7.95 -5.43
N ARG A 253 -18.84 7.19 -5.13
CA ARG A 253 -17.65 7.27 -5.96
C ARG A 253 -17.71 6.40 -7.21
N GLN A 254 -16.93 6.81 -8.20
CA GLN A 254 -16.81 6.10 -9.45
C GLN A 254 -15.41 5.47 -9.54
N VAL A 255 -15.35 4.16 -9.85
CA VAL A 255 -14.10 3.50 -10.19
C VAL A 255 -13.95 3.50 -11.71
N ARG A 256 -12.86 4.07 -12.20
CA ARG A 256 -12.55 4.07 -13.62
C ARG A 256 -11.46 3.06 -13.93
N GLY A 257 -11.48 2.51 -15.13
CA GLY A 257 -10.53 1.48 -15.54
C GLY A 257 -9.74 1.89 -16.77
N PHE A 258 -8.45 1.56 -16.76
CA PHE A 258 -7.58 1.76 -17.95
C PHE A 258 -6.95 0.43 -18.34
N PRO A 259 -6.97 0.06 -19.63
CA PRO A 259 -7.51 0.86 -20.74
C PRO A 259 -9.03 0.78 -20.85
N LYS A 260 -9.66 -0.09 -20.07
CA LYS A 260 -11.10 -0.07 -19.86
C LYS A 260 -11.44 -0.71 -18.51
CU CU B . -7.96 3.72 20.33
ZN ZN C . -0.89 0.46 2.84
C1 GOL D . 2.54 2.99 5.98
O1 GOL D . 3.63 3.84 6.34
C2 GOL D . 2.42 1.91 6.99
O2 GOL D . 3.49 0.96 6.90
C3 GOL D . 1.11 1.14 6.86
O3 GOL D . 0.99 0.60 8.14
C1 E6B E . -0.68 4.50 3.71
C2 E6B E . -1.06 4.66 5.04
C3 E6B E . -0.37 5.55 5.84
C4 E6B E . 0.69 6.29 5.32
C5 E6B E . 1.04 6.11 3.99
C6 E6B E . 0.37 5.22 3.19
C7 E6B E . 1.47 7.26 6.15
C8 E6B E . 1.68 8.38 8.31
C9 E6B E . 1.07 9.71 7.91
C10 E6B E . 1.78 10.84 8.56
C11 E6B E . 2.01 11.07 9.88
C12 E6B E . 2.93 12.65 8.67
N1 E6B E . -1.77 2.03 3.47
S1 E6B E . -1.61 3.42 2.68
O1 E6B E . -2.88 4.07 2.54
O2 E6B E . -0.84 3.18 1.49
O3 E6B E . 2.30 8.02 5.62
N2 E6B E . 1.22 7.29 7.46
N3 E6B E . 2.75 12.24 9.93
N4 E6B E . 2.36 11.83 7.79
CU CU F . -0.51 -0.50 16.85
#